data_9HTH
#
_entry.id   9HTH
#
_cell.length_a   30.129
_cell.length_b   63.013
_cell.length_c   162.404
_cell.angle_alpha   90.00
_cell.angle_beta   90.00
_cell.angle_gamma   90.00
#
_symmetry.space_group_name_H-M   'P 21 21 21'
#
loop_
_entity.id
_entity.type
_entity.pdbx_description
1 polymer 'DNA-directed DNA polymerase'
2 water water
#
_entity_poly.entity_id   1
_entity_poly.type   'polypeptide(L)'
_entity_poly.pdbx_seq_one_letter_code
;IDTDAVVGDTIIDVSGKKMTIAEFYDSTPDVFMRRNDEARDWVKRVGGKTSLSVNTYSGEVERKNINYIMKHTVKKRMFK
IKAGGKEVIVTADHSVMVKRDGKIIDVKPTEMKQTDRVVKWMLTGSHMIEFIEFEIEDLGVMEIDVYDIEVDGNHNFFGN
DILVHASVYLNKL
;
_entity_poly.pdbx_strand_id   A,B
#
# COMPACT_ATOMS: atom_id res chain seq x y z
N ASP A 4 -28.43 2.43 3.88
CA ASP A 4 -27.01 2.62 3.60
C ASP A 4 -26.67 2.08 2.21
N ALA A 5 -25.80 2.77 1.47
CA ALA A 5 -25.50 2.40 0.08
C ALA A 5 -24.39 3.29 -0.49
N VAL A 6 -24.21 3.21 -1.83
CA VAL A 6 -23.32 4.07 -2.61
C VAL A 6 -24.15 4.92 -3.56
N VAL A 7 -23.53 5.99 -4.07
CA VAL A 7 -24.27 6.89 -4.99
C VAL A 7 -24.46 6.23 -6.36
N GLY A 8 -25.44 6.75 -7.11
CA GLY A 8 -25.83 6.10 -8.35
C GLY A 8 -24.78 6.13 -9.45
N ASP A 9 -23.87 7.12 -9.43
CA ASP A 9 -22.86 7.20 -10.48
C ASP A 9 -21.69 6.24 -10.24
N THR A 10 -21.69 5.48 -9.15
CA THR A 10 -20.60 4.56 -8.85
C THR A 10 -20.51 3.51 -9.94
N ILE A 11 -19.32 3.30 -10.49
CA ILE A 11 -19.13 2.31 -11.53
C ILE A 11 -18.95 0.93 -10.89
N ILE A 12 -19.66 -0.05 -11.41
CA ILE A 12 -19.56 -1.43 -10.95
C ILE A 12 -19.35 -2.37 -12.14
N ASP A 13 -18.83 -3.56 -11.83
CA ASP A 13 -18.70 -4.65 -12.79
C ASP A 13 -20.02 -5.42 -12.83
N VAL A 14 -20.57 -5.59 -14.02
CA VAL A 14 -21.72 -6.47 -14.23
C VAL A 14 -21.29 -7.44 -15.31
N SER A 15 -20.99 -8.69 -14.91
CA SER A 15 -20.54 -9.73 -15.84
C SER A 15 -19.37 -9.26 -16.71
N GLY A 16 -18.46 -8.47 -16.11
CA GLY A 16 -17.26 -8.04 -16.81
C GLY A 16 -17.40 -6.73 -17.55
N LYS A 17 -18.61 -6.24 -17.73
CA LYS A 17 -18.86 -4.93 -18.33
C LYS A 17 -18.96 -3.89 -17.24
N LYS A 18 -18.73 -2.64 -17.60
CA LYS A 18 -18.77 -1.55 -16.64
C LYS A 18 -20.00 -0.67 -16.89
N MET A 19 -20.69 -0.33 -15.81
CA MET A 19 -21.81 0.59 -15.88
C MET A 19 -22.01 1.19 -14.51
N THR A 20 -22.71 2.31 -14.44
CA THR A 20 -23.01 2.84 -13.11
C THR A 20 -24.07 1.95 -12.44
N ILE A 21 -24.07 1.96 -11.11
CA ILE A 21 -25.04 1.13 -10.40
C ILE A 21 -26.46 1.59 -10.68
N ALA A 22 -26.66 2.90 -10.86
CA ALA A 22 -27.99 3.40 -11.25
C ALA A 22 -28.40 2.88 -12.63
N GLU A 23 -27.47 2.91 -13.59
CA GLU A 23 -27.77 2.35 -14.91
C GLU A 23 -28.12 0.88 -14.81
N PHE A 24 -27.39 0.13 -13.97
CA PHE A 24 -27.68 -1.28 -13.78
C PHE A 24 -29.08 -1.47 -13.18
N TYR A 25 -29.41 -0.70 -12.13
CA TYR A 25 -30.76 -0.74 -11.58
C TYR A 25 -31.80 -0.48 -12.65
N ASP A 26 -31.61 0.58 -13.45
CA ASP A 26 -32.61 0.94 -14.45
C ASP A 26 -32.77 -0.14 -15.52
N SER A 27 -31.69 -0.85 -15.83
CA SER A 27 -31.66 -1.90 -16.84
C SER A 27 -32.25 -3.21 -16.34
N THR A 28 -32.46 -3.34 -15.03
CA THR A 28 -32.95 -4.59 -14.45
C THR A 28 -34.46 -4.65 -14.56
N PRO A 29 -35.02 -5.76 -15.04
CA PRO A 29 -36.48 -5.86 -15.14
C PRO A 29 -37.15 -5.66 -13.79
N ASP A 30 -38.40 -5.18 -13.85
CA ASP A 30 -39.20 -4.75 -12.68
C ASP A 30 -39.80 -5.94 -11.93
N VAL A 31 -38.91 -6.82 -11.48
CA VAL A 31 -39.28 -7.97 -10.66
C VAL A 31 -39.02 -7.54 -9.22
N PHE A 32 -40.02 -6.94 -8.58
CA PHE A 32 -39.81 -6.33 -7.26
C PHE A 32 -39.98 -7.35 -6.15
N MET A 33 -38.99 -7.40 -5.26
CA MET A 33 -39.11 -8.07 -3.97
C MET A 33 -39.66 -7.15 -2.92
N ARG A 34 -39.44 -5.85 -3.08
CA ARG A 34 -39.97 -4.84 -2.19
C ARG A 34 -40.20 -3.59 -3.02
N ARG A 35 -41.34 -2.96 -2.82
CA ARG A 35 -41.62 -1.72 -3.52
C ARG A 35 -42.52 -0.88 -2.63
N ASN A 36 -42.06 0.32 -2.29
CA ASN A 36 -42.88 1.30 -1.59
C ASN A 36 -42.51 2.65 -2.20
N ASP A 37 -43.32 3.10 -3.16
CA ASP A 37 -43.05 4.37 -3.82
C ASP A 37 -43.07 5.54 -2.84
N GLU A 38 -43.91 5.47 -1.81
CA GLU A 38 -43.99 6.60 -0.88
C GLU A 38 -42.74 6.70 -0.02
N ALA A 39 -42.21 5.56 0.41
CA ALA A 39 -40.94 5.55 1.13
C ALA A 39 -39.74 5.64 0.20
N ARG A 40 -39.96 5.64 -1.12
CA ARG A 40 -38.91 5.64 -2.13
C ARG A 40 -37.88 4.54 -1.87
N ASP A 41 -38.38 3.30 -1.83
CA ASP A 41 -37.59 2.14 -1.41
C ASP A 41 -37.93 0.96 -2.30
N TRP A 42 -36.94 0.42 -2.99
CA TRP A 42 -37.15 -0.63 -3.98
C TRP A 42 -36.08 -1.69 -3.90
N VAL A 43 -36.48 -2.96 -4.06
CA VAL A 43 -35.55 -4.08 -4.21
C VAL A 43 -36.02 -4.89 -5.41
N LYS A 44 -35.13 -5.10 -6.37
CA LYS A 44 -35.38 -5.95 -7.53
C LYS A 44 -34.55 -7.22 -7.43
N ARG A 45 -35.14 -8.33 -7.87
CA ARG A 45 -34.37 -9.55 -8.11
C ARG A 45 -33.53 -9.38 -9.37
N VAL A 46 -32.32 -9.93 -9.35
CA VAL A 46 -31.42 -9.96 -10.50
C VAL A 46 -31.20 -11.41 -10.92
N GLY A 47 -31.22 -11.65 -12.23
CA GLY A 47 -30.93 -12.98 -12.76
C GLY A 47 -29.82 -13.00 -13.80
N GLY A 48 -28.90 -13.96 -13.69
CA GLY A 48 -27.92 -14.16 -14.73
C GLY A 48 -26.79 -13.15 -14.79
N LYS A 49 -26.53 -12.43 -13.71
CA LYS A 49 -25.49 -11.41 -13.66
C LYS A 49 -24.52 -11.74 -12.53
N THR A 50 -23.25 -11.42 -12.73
CA THR A 50 -22.24 -11.60 -11.69
C THR A 50 -21.48 -10.29 -11.45
N SER A 51 -20.75 -10.25 -10.34
CA SER A 51 -19.83 -9.16 -10.07
C SER A 51 -18.61 -9.69 -9.33
N LEU A 52 -17.64 -8.82 -9.15
CA LEU A 52 -16.40 -9.15 -8.45
C LEU A 52 -16.53 -8.86 -6.96
N SER A 53 -15.93 -9.72 -6.15
CA SER A 53 -15.99 -9.61 -4.70
C SER A 53 -14.70 -10.19 -4.17
N VAL A 54 -14.51 -10.08 -2.86
CA VAL A 54 -13.36 -10.67 -2.19
C VAL A 54 -13.85 -11.61 -1.10
N ASN A 55 -13.33 -12.84 -1.10
CA ASN A 55 -13.59 -13.78 -0.03
C ASN A 55 -12.74 -13.33 1.17
N THR A 56 -13.41 -12.94 2.26
CA THR A 56 -12.66 -12.39 3.39
C THR A 56 -11.93 -13.46 4.19
N TYR A 57 -12.22 -14.74 3.97
CA TYR A 57 -11.47 -15.78 4.65
C TYR A 57 -10.20 -16.15 3.89
N SER A 58 -10.30 -16.38 2.58
CA SER A 58 -9.14 -16.75 1.77
C SER A 58 -8.36 -15.53 1.28
N GLY A 59 -8.98 -14.36 1.21
CA GLY A 59 -8.34 -13.19 0.65
C GLY A 59 -8.32 -13.14 -0.84
N GLU A 60 -9.01 -14.05 -1.52
CA GLU A 60 -8.97 -14.20 -2.96
C GLU A 60 -10.15 -13.47 -3.60
N VAL A 61 -9.92 -12.90 -4.78
CA VAL A 61 -11.00 -12.32 -5.56
C VAL A 61 -11.86 -13.44 -6.11
N GLU A 62 -13.18 -13.27 -6.05
CA GLU A 62 -14.11 -14.27 -6.57
C GLU A 62 -15.23 -13.57 -7.31
N ARG A 63 -15.61 -14.13 -8.45
CA ARG A 63 -16.75 -13.65 -9.20
C ARG A 63 -18.00 -14.39 -8.70
N LYS A 64 -19.02 -13.65 -8.30
CA LYS A 64 -20.17 -14.21 -7.62
C LYS A 64 -21.46 -13.66 -8.21
N ASN A 65 -22.54 -14.41 -8.05
CA ASN A 65 -23.82 -13.96 -8.59
C ASN A 65 -24.32 -12.72 -7.87
N ILE A 66 -24.95 -11.82 -8.61
CA ILE A 66 -25.70 -10.70 -8.03
C ILE A 66 -27.12 -11.22 -7.81
N ASN A 67 -27.57 -11.21 -6.55
CA ASN A 67 -28.90 -11.74 -6.26
C ASN A 67 -29.99 -10.67 -6.32
N TYR A 68 -29.69 -9.46 -5.87
CA TYR A 68 -30.65 -8.38 -5.78
C TYR A 68 -29.95 -7.06 -6.02
N ILE A 69 -30.73 -6.06 -6.42
CA ILE A 69 -30.28 -4.68 -6.49
C ILE A 69 -31.30 -3.80 -5.81
N MET A 70 -30.82 -2.83 -5.04
CA MET A 70 -31.66 -1.98 -4.21
C MET A 70 -31.43 -0.52 -4.55
N LYS A 71 -32.48 0.27 -4.41
CA LYS A 71 -32.45 1.70 -4.59
C LYS A 71 -33.27 2.32 -3.47
N HIS A 72 -32.73 3.32 -2.80
CA HIS A 72 -33.47 4.08 -1.80
C HIS A 72 -33.10 5.55 -1.90
N THR A 73 -34.11 6.41 -1.85
CA THR A 73 -33.85 7.84 -1.78
C THR A 73 -33.80 8.22 -0.30
N VAL A 74 -32.67 8.79 0.11
CA VAL A 74 -32.37 9.03 1.52
C VAL A 74 -31.92 10.47 1.68
N LYS A 75 -32.04 10.97 2.90
CA LYS A 75 -31.38 12.20 3.31
C LYS A 75 -30.39 11.81 4.39
N LYS A 76 -29.11 11.76 4.03
CA LYS A 76 -28.11 11.15 4.89
C LYS A 76 -26.79 11.86 4.72
N ARG A 77 -25.96 11.74 5.77
CA ARG A 77 -24.58 12.17 5.73
C ARG A 77 -23.78 11.28 4.79
N MET A 78 -23.02 11.90 3.88
CA MET A 78 -22.25 11.19 2.87
C MET A 78 -20.75 11.41 3.06
N PHE A 79 -19.96 10.37 2.79
CA PHE A 79 -18.50 10.42 2.87
C PHE A 79 -17.89 9.92 1.59
N LYS A 80 -16.81 10.57 1.16
CA LYS A 80 -16.02 10.10 0.02
C LYS A 80 -14.75 9.43 0.51
N ILE A 81 -14.50 8.23 0.02
CA ILE A 81 -13.26 7.50 0.28
C ILE A 81 -12.38 7.69 -0.94
N LYS A 82 -11.18 8.23 -0.76
CA LYS A 82 -10.26 8.49 -1.87
C LYS A 82 -9.03 7.59 -1.72
N ALA A 83 -8.70 6.83 -2.77
CA ALA A 83 -7.58 5.91 -2.67
C ALA A 83 -7.02 5.65 -4.06
N GLY A 84 -5.72 5.83 -4.24
CA GLY A 84 -5.10 5.48 -5.52
C GLY A 84 -5.63 6.21 -6.72
N GLY A 85 -6.12 7.44 -6.54
CA GLY A 85 -6.71 8.19 -7.63
C GLY A 85 -8.15 7.83 -7.96
N LYS A 86 -8.76 6.91 -7.23
CA LYS A 86 -10.17 6.57 -7.37
C LYS A 86 -10.91 7.08 -6.14
N GLU A 87 -12.24 7.14 -6.25
CA GLU A 87 -13.03 7.56 -5.10
C GLU A 87 -14.38 6.87 -5.16
N VAL A 88 -14.96 6.64 -3.98
CA VAL A 88 -16.33 6.12 -3.88
C VAL A 88 -17.07 6.92 -2.81
N ILE A 89 -18.34 7.23 -3.09
CA ILE A 89 -19.17 8.02 -2.19
C ILE A 89 -20.20 7.11 -1.55
N VAL A 90 -20.17 7.02 -0.22
CA VAL A 90 -20.99 6.10 0.57
C VAL A 90 -21.75 6.88 1.64
N THR A 91 -22.84 6.29 2.13
CA THR A 91 -23.50 6.88 3.29
C THR A 91 -22.70 6.63 4.57
N ALA A 92 -23.02 7.45 5.58
CA ALA A 92 -22.31 7.36 6.85
C ALA A 92 -22.56 6.03 7.56
N ASP A 93 -23.72 5.42 7.33
CA ASP A 93 -24.11 4.18 7.97
C ASP A 93 -23.61 2.95 7.20
N HIS A 94 -23.00 3.14 6.05
CA HIS A 94 -22.57 2.04 5.20
C HIS A 94 -21.11 1.71 5.42
N SER A 95 -20.79 0.43 5.38
CA SER A 95 -19.45 -0.06 5.64
C SER A 95 -18.60 -0.12 4.39
N VAL A 96 -17.35 0.29 4.54
CA VAL A 96 -16.32 0.12 3.54
C VAL A 96 -15.44 -1.02 4.03
N MET A 97 -14.88 -1.77 3.11
CA MET A 97 -13.98 -2.83 3.52
C MET A 97 -12.59 -2.26 3.77
N VAL A 98 -11.94 -2.76 4.82
CA VAL A 98 -10.56 -2.39 5.12
C VAL A 98 -9.79 -3.63 5.50
N LYS A 99 -8.48 -3.61 5.23
CA LYS A 99 -7.56 -4.55 5.85
C LYS A 99 -7.07 -3.94 7.14
N ARG A 100 -7.37 -4.60 8.26
CA ARG A 100 -6.99 -4.15 9.58
C ARG A 100 -6.37 -5.34 10.30
N ASP A 101 -5.12 -5.20 10.72
CA ASP A 101 -4.45 -6.23 11.49
C ASP A 101 -4.51 -7.59 10.78
N GLY A 102 -4.26 -7.56 9.48
CA GLY A 102 -4.20 -8.78 8.68
C GLY A 102 -5.53 -9.35 8.23
N LYS A 103 -6.66 -8.73 8.56
CA LYS A 103 -7.95 -9.26 8.19
C LYS A 103 -8.74 -8.22 7.41
N ILE A 104 -9.54 -8.71 6.46
CA ILE A 104 -10.41 -7.84 5.69
C ILE A 104 -11.78 -7.81 6.37
N ILE A 105 -12.18 -6.62 6.83
CA ILE A 105 -13.38 -6.42 7.63
C ILE A 105 -14.15 -5.22 7.11
N ASP A 106 -15.39 -5.07 7.57
CA ASP A 106 -16.24 -3.95 7.19
C ASP A 106 -16.29 -2.93 8.33
N VAL A 107 -16.10 -1.66 7.99
CA VAL A 107 -16.10 -0.57 8.97
C VAL A 107 -16.81 0.64 8.38
N LYS A 108 -17.48 1.40 9.26
CA LYS A 108 -18.11 2.65 8.86
C LYS A 108 -17.07 3.74 8.56
N PRO A 109 -17.40 4.67 7.65
CA PRO A 109 -16.44 5.75 7.33
C PRO A 109 -16.08 6.65 8.49
N THR A 110 -16.86 6.64 9.55
CA THR A 110 -16.60 7.43 10.76
C THR A 110 -15.75 6.68 11.78
N GLU A 111 -15.41 5.42 11.52
CA GLU A 111 -14.66 4.58 12.44
C GLU A 111 -13.34 4.05 11.87
N MET A 112 -12.82 4.66 10.82
CA MET A 112 -11.58 4.20 10.21
C MET A 112 -10.34 4.68 10.96
N LYS A 113 -9.31 3.83 10.96
CA LYS A 113 -8.05 4.12 11.63
C LYS A 113 -6.97 4.48 10.62
N GLN A 114 -5.96 5.22 11.09
CA GLN A 114 -4.87 5.61 10.21
C GLN A 114 -4.06 4.42 9.71
N THR A 115 -4.04 3.31 10.46
CA THR A 115 -3.35 2.11 10.04
C THR A 115 -4.21 1.19 9.16
N ASP A 116 -5.49 1.51 8.99
CA ASP A 116 -6.32 0.76 8.07
C ASP A 116 -5.86 0.98 6.64
N ARG A 117 -6.15 0.00 5.78
CA ARG A 117 -5.95 0.17 4.35
C ARG A 117 -7.20 -0.27 3.62
N VAL A 118 -7.54 0.45 2.57
CA VAL A 118 -8.65 0.02 1.74
C VAL A 118 -8.18 -1.01 0.72
N VAL A 119 -9.14 -1.74 0.18
CA VAL A 119 -8.88 -2.81 -0.77
C VAL A 119 -9.26 -2.26 -2.14
N LYS A 120 -8.28 -2.13 -3.03
CA LYS A 120 -8.49 -1.53 -4.34
C LYS A 120 -8.18 -2.53 -5.45
N TRP A 121 -9.05 -2.59 -6.44
CA TRP A 121 -8.82 -3.39 -7.64
C TRP A 121 -7.56 -2.93 -8.35
N MET A 122 -6.84 -3.88 -8.92
CA MET A 122 -5.58 -3.61 -9.61
C MET A 122 -5.70 -3.99 -11.07
N LEU A 123 -5.10 -3.19 -11.93
CA LEU A 123 -5.04 -3.48 -13.35
C LEU A 123 -3.73 -4.15 -13.77
N THR A 124 -2.74 -4.25 -12.87
CA THR A 124 -1.40 -4.68 -13.24
C THR A 124 -0.81 -5.57 -12.14
N GLY A 125 0.10 -6.46 -12.54
CA GLY A 125 0.81 -7.31 -11.60
C GLY A 125 0.06 -8.59 -11.30
N SER A 126 0.74 -9.48 -10.56
CA SER A 126 0.23 -10.82 -10.30
C SER A 126 -0.98 -10.80 -9.38
N HIS A 127 -1.09 -9.77 -8.58
CA HIS A 127 -2.20 -9.52 -7.68
C HIS A 127 -3.32 -8.74 -8.34
N MET A 128 -4.52 -9.12 -8.00
CA MET A 128 -5.70 -8.47 -8.54
C MET A 128 -6.18 -7.36 -7.65
N ILE A 129 -5.67 -7.27 -6.42
CA ILE A 129 -6.02 -6.22 -5.48
C ILE A 129 -4.75 -5.71 -4.82
N GLU A 130 -4.85 -4.50 -4.29
CA GLU A 130 -3.82 -3.93 -3.45
C GLU A 130 -4.48 -3.42 -2.19
N PHE A 131 -3.68 -3.29 -1.13
CA PHE A 131 -4.11 -2.70 0.13
C PHE A 131 -3.41 -1.35 0.21
N ILE A 132 -4.18 -0.27 0.24
CA ILE A 132 -3.65 1.05 -0.07
C ILE A 132 -4.12 2.05 0.99
N GLU A 133 -3.24 3.00 1.29
CA GLU A 133 -3.59 4.14 2.11
C GLU A 133 -4.71 4.93 1.46
N PHE A 134 -5.41 5.73 2.26
CA PHE A 134 -6.59 6.41 1.74
C PHE A 134 -6.85 7.68 2.55
N GLU A 135 -7.72 8.52 2.00
CA GLU A 135 -8.22 9.72 2.64
C GLU A 135 -9.74 9.69 2.65
N ILE A 136 -10.33 10.42 3.59
CA ILE A 136 -11.78 10.52 3.76
C ILE A 136 -12.17 11.99 3.66
N GLU A 137 -13.27 12.27 2.96
CA GLU A 137 -13.82 13.62 2.88
C GLU A 137 -15.29 13.54 3.28
N ASP A 138 -15.69 14.42 4.19
CA ASP A 138 -17.07 14.53 4.66
C ASP A 138 -17.82 15.44 3.71
N LEU A 139 -18.84 14.91 3.05
CA LEU A 139 -19.61 15.69 2.09
C LEU A 139 -20.86 16.31 2.68
N GLY A 140 -21.12 16.11 3.96
CA GLY A 140 -22.32 16.66 4.56
C GLY A 140 -23.56 15.85 4.22
N VAL A 141 -24.70 16.40 4.62
CA VAL A 141 -25.99 15.75 4.43
C VAL A 141 -26.49 16.04 3.02
N MET A 142 -26.99 15.01 2.34
CA MET A 142 -27.58 15.15 1.02
C MET A 142 -28.87 14.35 0.95
N GLU A 143 -29.84 14.84 0.17
CA GLU A 143 -30.97 14.03 -0.26
C GLU A 143 -30.64 13.45 -1.63
N ILE A 144 -30.55 12.13 -1.70
CA ILE A 144 -29.85 11.48 -2.81
C ILE A 144 -30.36 10.06 -2.96
N ASP A 145 -30.36 9.57 -4.20
CA ASP A 145 -30.62 8.17 -4.47
C ASP A 145 -29.36 7.36 -4.17
N VAL A 146 -29.50 6.33 -3.36
CA VAL A 146 -28.36 5.46 -3.07
C VAL A 146 -28.76 4.02 -3.41
N TYR A 147 -27.76 3.21 -3.74
CA TYR A 147 -27.98 1.89 -4.31
C TYR A 147 -27.07 0.89 -3.64
N ASP A 148 -27.50 -0.36 -3.66
CA ASP A 148 -26.70 -1.43 -3.12
C ASP A 148 -27.01 -2.67 -3.95
N ILE A 149 -26.10 -3.63 -3.91
CA ILE A 149 -26.36 -4.92 -4.51
C ILE A 149 -26.11 -5.95 -3.44
N GLU A 150 -26.84 -7.06 -3.52
CA GLU A 150 -26.53 -8.23 -2.71
C GLU A 150 -25.67 -9.17 -3.56
N VAL A 151 -24.48 -9.46 -3.08
CA VAL A 151 -23.53 -10.31 -3.80
C VAL A 151 -23.44 -11.63 -3.05
N ASP A 152 -23.73 -12.72 -3.76
CA ASP A 152 -23.81 -14.03 -3.13
C ASP A 152 -22.53 -14.39 -2.43
N GLY A 153 -22.65 -14.86 -1.19
CA GLY A 153 -21.50 -15.44 -0.51
C GLY A 153 -20.58 -14.45 0.18
N ASN A 154 -20.04 -13.50 -0.59
CA ASN A 154 -18.99 -12.64 -0.04
C ASN A 154 -19.47 -11.31 0.50
N HIS A 155 -20.62 -10.81 0.06
CA HIS A 155 -21.23 -9.60 0.64
C HIS A 155 -20.31 -8.38 0.55
N ASN A 156 -19.64 -8.23 -0.58
CA ASN A 156 -18.91 -7.01 -0.88
C ASN A 156 -18.84 -6.89 -2.39
N PHE A 157 -18.47 -5.70 -2.86
CA PHE A 157 -18.36 -5.44 -4.30
C PHE A 157 -17.47 -4.23 -4.47
N PHE A 158 -16.90 -4.07 -5.67
CA PHE A 158 -16.06 -2.91 -5.97
C PHE A 158 -16.91 -1.77 -6.54
N GLY A 159 -16.79 -0.59 -5.94
CA GLY A 159 -17.38 0.62 -6.49
C GLY A 159 -16.29 1.58 -6.85
N ASN A 160 -16.18 1.95 -8.14
CA ASN A 160 -15.05 2.73 -8.62
C ASN A 160 -13.72 2.12 -8.17
N ASP A 161 -13.64 0.79 -8.24
CA ASP A 161 -12.47 -0.03 -7.94
C ASP A 161 -12.14 -0.13 -6.46
N ILE A 162 -12.98 0.37 -5.56
CA ILE A 162 -12.74 0.33 -4.12
C ILE A 162 -13.75 -0.62 -3.49
N LEU A 163 -13.28 -1.53 -2.64
CA LEU A 163 -14.16 -2.58 -2.12
C LEU A 163 -15.07 -2.02 -1.03
N VAL A 164 -16.39 -2.19 -1.19
CA VAL A 164 -17.36 -1.74 -0.21
C VAL A 164 -18.19 -2.93 0.23
N HIS A 165 -18.76 -2.82 1.43
CA HIS A 165 -19.65 -3.87 1.93
C HIS A 165 -20.94 -3.86 1.12
N ALA A 166 -21.47 -5.05 0.86
CA ALA A 166 -22.74 -5.14 0.17
C ALA A 166 -23.87 -5.27 1.20
N SER A 167 -25.08 -5.05 0.74
CA SER A 167 -26.19 -5.38 1.63
C SER A 167 -26.55 -6.83 1.39
N VAL A 168 -27.23 -7.42 2.35
CA VAL A 168 -27.94 -8.65 2.08
C VAL A 168 -29.42 -8.33 2.32
N TYR A 169 -30.24 -8.69 1.35
CA TYR A 169 -31.68 -8.66 1.52
C TYR A 169 -32.02 -10.08 1.89
N LEU A 170 -32.47 -10.27 3.12
CA LEU A 170 -32.90 -11.60 3.50
C LEU A 170 -34.33 -11.71 3.03
N ASN A 171 -34.58 -12.64 2.08
CA ASN A 171 -35.93 -12.88 1.61
C ASN A 171 -36.59 -13.61 2.76
N LYS A 172 -37.02 -12.82 3.75
CA LYS A 172 -37.50 -13.38 5.01
C LYS A 172 -38.81 -14.13 4.81
N LEU A 173 -39.75 -13.52 4.09
CA LEU A 173 -41.09 -14.06 3.97
C LEU A 173 -41.47 -14.22 2.50
N ILE B 1 31.36 -13.28 -0.39
CA ILE B 1 30.70 -12.24 0.38
C ILE B 1 30.11 -11.18 -0.54
N ASP B 2 28.87 -10.79 -0.27
CA ASP B 2 28.24 -9.71 -1.01
C ASP B 2 28.79 -8.38 -0.52
N THR B 3 29.06 -7.47 -1.46
CA THR B 3 29.58 -6.15 -1.12
C THR B 3 28.74 -5.01 -1.70
N ASP B 4 27.51 -5.28 -2.15
CA ASP B 4 26.63 -4.19 -2.57
C ASP B 4 26.28 -3.34 -1.35
N ALA B 5 26.19 -2.03 -1.53
CA ALA B 5 26.00 -1.10 -0.40
C ALA B 5 25.73 0.32 -0.92
N VAL B 6 25.72 1.31 0.01
CA VAL B 6 25.50 2.73 -0.29
C VAL B 6 26.72 3.56 0.08
N VAL B 7 26.81 4.77 -0.47
CA VAL B 7 28.00 5.59 -0.19
C VAL B 7 28.00 6.10 1.25
N GLY B 8 29.20 6.43 1.74
CA GLY B 8 29.36 6.76 3.14
C GLY B 8 28.70 8.05 3.59
N ASP B 9 28.47 9.00 2.68
CA ASP B 9 27.88 10.26 3.09
C ASP B 9 26.36 10.20 3.21
N THR B 10 25.76 9.03 2.94
CA THR B 10 24.31 8.87 3.04
C THR B 10 23.88 9.11 4.47
N ILE B 11 22.90 9.99 4.68
CA ILE B 11 22.40 10.33 6.00
C ILE B 11 21.35 9.33 6.44
N ILE B 12 21.49 8.83 7.66
CA ILE B 12 20.55 7.87 8.23
C ILE B 12 20.11 8.32 9.62
N ASP B 13 18.99 7.78 10.08
CA ASP B 13 18.53 7.95 11.46
C ASP B 13 19.20 6.88 12.31
N VAL B 14 19.80 7.31 13.42
CA VAL B 14 20.29 6.38 14.44
C VAL B 14 19.66 6.81 15.75
N SER B 15 18.67 6.04 16.22
CA SER B 15 17.98 6.33 17.48
C SER B 15 17.51 7.78 17.57
N GLY B 16 17.00 8.32 16.47
CA GLY B 16 16.41 9.66 16.48
C GLY B 16 17.37 10.78 16.12
N LYS B 17 18.66 10.52 16.06
CA LYS B 17 19.69 11.44 15.58
C LYS B 17 19.94 11.16 14.12
N LYS B 18 20.48 12.15 13.42
CA LYS B 18 20.91 12.00 12.03
C LYS B 18 22.42 12.08 11.96
N MET B 19 23.02 11.20 11.17
CA MET B 19 24.45 11.23 10.89
C MET B 19 24.67 10.46 9.60
N THR B 20 25.85 10.62 9.00
CA THR B 20 26.13 9.78 7.83
C THR B 20 26.39 8.33 8.25
N ILE B 21 26.15 7.41 7.33
CA ILE B 21 26.40 6.00 7.62
C ILE B 21 27.88 5.75 7.92
N ALA B 22 28.78 6.49 7.25
CA ALA B 22 30.21 6.40 7.57
C ALA B 22 30.51 6.88 8.99
N GLU B 23 29.94 8.02 9.38
CA GLU B 23 30.10 8.51 10.75
C GLU B 23 29.57 7.50 11.76
N PHE B 24 28.45 6.83 11.44
CA PHE B 24 27.92 5.81 12.35
C PHE B 24 28.86 4.62 12.44
N TYR B 25 29.38 4.14 11.32
CA TYR B 25 30.37 3.07 11.33
C TYR B 25 31.58 3.45 12.21
N ASP B 26 32.11 4.65 12.01
CA ASP B 26 33.30 5.07 12.75
C ASP B 26 33.02 5.17 14.25
N SER B 27 31.79 5.56 14.62
CA SER B 27 31.39 5.71 16.00
C SER B 27 31.08 4.37 16.69
N THR B 28 30.93 3.31 15.94
CA THR B 28 30.54 2.04 16.52
C THR B 28 31.81 1.36 17.08
N PRO B 29 31.78 0.91 18.33
CA PRO B 29 32.97 0.25 18.88
C PRO B 29 33.38 -0.96 18.03
N ASP B 30 34.67 -1.28 18.10
CA ASP B 30 35.30 -2.29 17.26
C ASP B 30 35.01 -3.71 17.76
N VAL B 31 33.73 -4.05 17.77
CA VAL B 31 33.26 -5.39 18.11
C VAL B 31 32.98 -6.07 16.76
N PHE B 32 33.97 -6.72 16.21
CA PHE B 32 33.84 -7.23 14.85
C PHE B 32 33.17 -8.60 14.81
N MET B 33 32.17 -8.72 13.95
CA MET B 33 31.62 -10.02 13.56
C MET B 33 32.40 -10.63 12.41
N ARG B 34 32.99 -9.78 11.56
CA ARG B 34 33.81 -10.21 10.44
C ARG B 34 34.83 -9.11 10.20
N ARG B 35 36.08 -9.51 9.97
CA ARG B 35 37.11 -8.54 9.65
C ARG B 35 38.16 -9.20 8.78
N ASN B 36 38.40 -8.63 7.61
CA ASN B 36 39.51 -9.03 6.75
C ASN B 36 40.05 -7.76 6.14
N ASP B 37 41.12 -7.22 6.73
CA ASP B 37 41.70 -5.99 6.21
C ASP B 37 42.19 -6.17 4.78
N GLU B 38 42.65 -7.38 4.43
CA GLU B 38 43.22 -7.60 3.10
C GLU B 38 42.14 -7.53 2.03
N ALA B 39 40.96 -8.08 2.32
CA ALA B 39 39.81 -7.99 1.43
C ALA B 39 39.04 -6.67 1.58
N ARG B 40 39.43 -5.81 2.52
CA ARG B 40 38.72 -4.57 2.84
C ARG B 40 37.23 -4.79 3.10
N ASP B 41 36.96 -5.61 4.12
CA ASP B 41 35.63 -6.08 4.44
C ASP B 41 35.50 -6.15 5.95
N TRP B 42 34.53 -5.41 6.49
CA TRP B 42 34.35 -5.31 7.94
C TRP B 42 32.87 -5.35 8.27
N VAL B 43 32.53 -6.09 9.31
CA VAL B 43 31.18 -6.11 9.88
C VAL B 43 31.31 -5.93 11.39
N LYS B 44 30.63 -4.92 11.92
CA LYS B 44 30.58 -4.66 13.36
C LYS B 44 29.21 -5.01 13.92
N ARG B 45 29.20 -5.63 15.09
CA ARG B 45 27.96 -5.75 15.87
C ARG B 45 27.57 -4.36 16.38
N VAL B 46 26.28 -4.08 16.43
CA VAL B 46 25.78 -2.79 16.88
C VAL B 46 24.94 -3.00 18.12
N GLY B 47 25.18 -2.19 19.14
CA GLY B 47 24.41 -2.31 20.38
C GLY B 47 23.62 -1.06 20.73
N GLY B 48 22.36 -1.27 21.08
CA GLY B 48 21.51 -0.23 21.63
C GLY B 48 21.02 0.82 20.64
N LYS B 49 21.03 0.55 19.33
CA LYS B 49 20.66 1.53 18.30
C LYS B 49 19.50 1.03 17.46
N THR B 50 18.68 1.97 17.01
CA THR B 50 17.55 1.70 16.14
C THR B 50 17.60 2.61 14.91
N SER B 51 16.80 2.27 13.90
CA SER B 51 16.61 3.15 12.75
C SER B 51 15.17 3.04 12.29
N LEU B 52 14.81 3.90 11.34
CA LEU B 52 13.46 3.92 10.75
C LEU B 52 13.42 3.03 9.52
N SER B 53 12.30 2.33 9.36
CA SER B 53 12.13 1.35 8.29
C SER B 53 10.66 1.30 7.93
N VAL B 54 10.34 0.56 6.88
CA VAL B 54 8.94 0.34 6.48
C VAL B 54 8.67 -1.15 6.47
N ASN B 55 7.59 -1.54 7.13
CA ASN B 55 7.14 -2.93 7.07
C ASN B 55 6.47 -3.15 5.70
N THR B 56 7.05 -4.01 4.88
CA THR B 56 6.52 -4.16 3.52
C THR B 56 5.20 -4.91 3.48
N TYR B 57 4.80 -5.58 4.56
CA TYR B 57 3.51 -6.24 4.61
C TYR B 57 2.40 -5.28 5.01
N SER B 58 2.61 -4.48 6.07
CA SER B 58 1.58 -3.56 6.56
C SER B 58 1.66 -2.19 5.91
N GLY B 59 2.81 -1.81 5.37
CA GLY B 59 3.01 -0.48 4.85
C GLY B 59 3.32 0.58 5.90
N GLU B 60 3.54 0.19 7.15
CA GLU B 60 3.72 1.15 8.23
C GLU B 60 5.21 1.40 8.49
N VAL B 61 5.53 2.65 8.86
CA VAL B 61 6.87 2.98 9.32
C VAL B 61 7.06 2.40 10.71
N GLU B 62 8.20 1.75 10.94
CA GLU B 62 8.50 1.15 12.24
C GLU B 62 9.95 1.43 12.60
N ARG B 63 10.17 1.71 13.86
CA ARG B 63 11.52 1.82 14.39
C ARG B 63 12.00 0.43 14.81
N LYS B 64 13.16 0.02 14.29
CA LYS B 64 13.66 -1.35 14.44
C LYS B 64 15.13 -1.33 14.83
N ASN B 65 15.58 -2.38 15.51
CA ASN B 65 16.98 -2.45 15.94
C ASN B 65 17.91 -2.55 14.74
N ILE B 66 19.06 -1.90 14.85
CA ILE B 66 20.19 -2.11 13.94
C ILE B 66 21.03 -3.22 14.52
N ASN B 67 21.23 -4.30 13.77
CA ASN B 67 21.96 -5.45 14.29
C ASN B 67 23.45 -5.40 13.97
N TYR B 68 23.79 -4.91 12.77
CA TYR B 68 25.16 -4.88 12.30
C TYR B 68 25.34 -3.64 11.42
N ILE B 69 26.59 -3.21 11.32
CA ILE B 69 26.97 -2.21 10.33
C ILE B 69 28.18 -2.73 9.56
N MET B 70 28.19 -2.52 8.24
CA MET B 70 29.18 -3.10 7.35
C MET B 70 29.87 -2.01 6.55
N LYS B 71 31.14 -2.27 6.22
CA LYS B 71 31.96 -1.42 5.37
C LYS B 71 32.74 -2.31 4.43
N HIS B 72 32.73 -1.98 3.14
CA HIS B 72 33.53 -2.68 2.14
C HIS B 72 34.11 -1.67 1.16
N THR B 73 35.33 -1.89 0.72
CA THR B 73 35.87 -1.14 -0.39
C THR B 73 35.67 -1.95 -1.65
N VAL B 74 35.01 -1.35 -2.64
CA VAL B 74 34.56 -2.04 -3.84
C VAL B 74 35.00 -1.24 -5.07
N LYS B 75 35.03 -1.93 -6.21
CA LYS B 75 35.16 -1.28 -7.52
C LYS B 75 33.92 -1.66 -8.32
N LYS B 76 32.95 -0.76 -8.38
CA LYS B 76 31.63 -1.11 -8.91
C LYS B 76 31.02 0.11 -9.58
N ARG B 77 30.10 -0.16 -10.51
CA ARG B 77 29.29 0.88 -11.11
C ARG B 77 28.35 1.45 -10.05
N MET B 78 28.25 2.77 -9.99
CA MET B 78 27.43 3.45 -9.00
C MET B 78 26.27 4.13 -9.69
N PHE B 79 25.10 4.15 -9.05
CA PHE B 79 23.94 4.85 -9.57
C PHE B 79 23.40 5.82 -8.55
N LYS B 80 22.98 6.99 -9.02
CA LYS B 80 22.29 7.97 -8.19
C LYS B 80 20.80 7.89 -8.47
N ILE B 81 20.00 7.75 -7.42
CA ILE B 81 18.54 7.78 -7.49
C ILE B 81 18.12 9.15 -6.96
N LYS B 82 17.39 9.91 -7.78
CA LYS B 82 16.97 11.26 -7.43
C LYS B 82 15.45 11.27 -7.30
N ALA B 83 14.93 11.81 -6.19
CA ALA B 83 13.49 11.87 -6.00
C ALA B 83 13.14 12.95 -4.98
N GLY B 84 12.18 13.82 -5.32
CA GLY B 84 11.71 14.79 -4.35
C GLY B 84 12.76 15.75 -3.85
N GLY B 85 13.79 16.02 -4.64
CA GLY B 85 14.88 16.89 -4.22
C GLY B 85 15.92 16.23 -3.33
N LYS B 86 15.80 14.93 -3.09
CA LYS B 86 16.77 14.13 -2.38
C LYS B 86 17.45 13.19 -3.36
N GLU B 87 18.57 12.61 -2.93
CA GLU B 87 19.23 11.62 -3.77
C GLU B 87 19.96 10.63 -2.89
N VAL B 88 20.10 9.41 -3.38
CA VAL B 88 20.91 8.40 -2.72
C VAL B 88 21.78 7.71 -3.77
N ILE B 89 23.03 7.44 -3.42
CA ILE B 89 23.98 6.81 -4.33
C ILE B 89 24.27 5.39 -3.85
N VAL B 90 23.98 4.39 -4.70
CA VAL B 90 24.09 2.98 -4.37
C VAL B 90 24.93 2.25 -5.42
N THR B 91 25.46 1.09 -5.05
CA THR B 91 26.13 0.26 -6.06
C THR B 91 25.10 -0.34 -7.00
N ALA B 92 25.54 -0.71 -8.20
CA ALA B 92 24.62 -1.22 -9.21
C ALA B 92 23.92 -2.49 -8.74
N ASP B 93 24.57 -3.26 -7.86
CA ASP B 93 24.04 -4.50 -7.34
C ASP B 93 23.22 -4.35 -6.06
N HIS B 94 23.02 -3.13 -5.57
CA HIS B 94 22.26 -2.87 -4.36
C HIS B 94 20.81 -2.52 -4.70
N SER B 95 19.86 -3.01 -3.92
CA SER B 95 18.45 -2.79 -4.19
C SER B 95 17.93 -1.51 -3.53
N VAL B 96 17.07 -0.80 -4.27
CA VAL B 96 16.27 0.32 -3.81
C VAL B 96 14.85 -0.20 -3.64
N MET B 97 14.10 0.34 -2.68
CA MET B 97 12.71 -0.05 -2.51
C MET B 97 11.83 0.74 -3.47
N VAL B 98 10.84 0.07 -4.06
CA VAL B 98 9.86 0.76 -4.88
C VAL B 98 8.50 0.18 -4.56
N LYS B 99 7.46 0.99 -4.77
CA LYS B 99 6.10 0.47 -4.88
C LYS B 99 5.88 0.12 -6.34
N ARG B 100 5.59 -1.16 -6.59
CA ARG B 100 5.28 -1.66 -7.92
C ARG B 100 4.05 -2.56 -7.84
N ASP B 101 3.02 -2.25 -8.63
CA ASP B 101 1.81 -3.08 -8.70
C ASP B 101 1.21 -3.30 -7.31
N GLY B 102 1.20 -2.23 -6.52
CA GLY B 102 0.58 -2.25 -5.21
C GLY B 102 1.41 -2.83 -4.07
N LYS B 103 2.65 -3.24 -4.32
CA LYS B 103 3.49 -3.87 -3.30
C LYS B 103 4.81 -3.12 -3.20
N ILE B 104 5.37 -3.09 -1.99
CA ILE B 104 6.69 -2.50 -1.77
C ILE B 104 7.71 -3.63 -1.87
N ILE B 105 8.63 -3.51 -2.84
CA ILE B 105 9.58 -4.56 -3.19
C ILE B 105 10.97 -3.94 -3.36
N ASP B 106 11.99 -4.79 -3.40
CA ASP B 106 13.36 -4.35 -3.64
C ASP B 106 13.77 -4.68 -5.07
N VAL B 107 14.38 -3.71 -5.76
CA VAL B 107 14.83 -3.86 -7.13
C VAL B 107 16.17 -3.16 -7.33
N LYS B 108 16.99 -3.69 -8.23
CA LYS B 108 18.24 -3.04 -8.58
C LYS B 108 17.97 -1.77 -9.40
N PRO B 109 18.89 -0.78 -9.38
CA PRO B 109 18.62 0.46 -10.12
C PRO B 109 18.35 0.28 -11.61
N THR B 110 18.97 -0.72 -12.27
CA THR B 110 18.72 -0.91 -13.69
C THR B 110 17.44 -1.70 -13.93
N GLU B 111 16.75 -2.13 -12.88
CA GLU B 111 15.49 -2.83 -13.01
C GLU B 111 14.32 -1.95 -12.65
N MET B 112 14.56 -0.67 -12.33
CA MET B 112 13.48 0.22 -11.96
C MET B 112 12.78 0.69 -13.23
N LYS B 113 11.45 0.78 -13.16
CA LYS B 113 10.64 1.22 -14.28
C LYS B 113 10.08 2.61 -13.98
N GLN B 114 9.75 3.37 -15.04
CA GLN B 114 9.26 4.72 -14.81
C GLN B 114 7.95 4.72 -14.04
N THR B 115 7.16 3.64 -14.14
CA THR B 115 5.92 3.58 -13.39
C THR B 115 6.13 3.15 -11.94
N ASP B 116 7.33 2.69 -11.59
CA ASP B 116 7.62 2.43 -10.19
C ASP B 116 7.62 3.75 -9.43
N ARG B 117 7.45 3.66 -8.11
CA ARG B 117 7.53 4.85 -7.27
C ARG B 117 8.48 4.58 -6.13
N VAL B 118 9.42 5.50 -5.90
CA VAL B 118 10.30 5.36 -4.75
C VAL B 118 9.53 5.76 -3.50
N VAL B 119 10.00 5.28 -2.36
CA VAL B 119 9.38 5.52 -1.06
C VAL B 119 10.19 6.58 -0.34
N LYS B 120 9.60 7.74 -0.08
CA LYS B 120 10.29 8.85 0.55
C LYS B 120 9.63 9.23 1.86
N TRP B 121 10.46 9.46 2.88
CA TRP B 121 9.98 9.97 4.15
C TRP B 121 9.41 11.36 3.97
N MET B 122 8.25 11.63 4.57
CA MET B 122 7.63 12.94 4.48
C MET B 122 7.30 13.47 5.87
N LEU B 123 7.76 14.68 6.17
CA LEU B 123 7.47 15.29 7.46
C LEU B 123 6.13 16.01 7.50
N THR B 124 5.56 16.36 6.35
CA THR B 124 4.34 17.15 6.28
C THR B 124 3.37 16.51 5.29
N GLY B 125 2.51 15.65 5.79
CA GLY B 125 1.49 15.05 4.95
C GLY B 125 0.53 14.25 5.81
N SER B 126 -0.54 13.77 5.17
CA SER B 126 -1.47 12.89 5.85
C SER B 126 -0.83 11.55 6.19
N HIS B 127 0.21 11.16 5.46
CA HIS B 127 0.89 9.89 5.61
C HIS B 127 2.37 10.17 5.89
N MET B 128 3.05 9.22 6.53
CA MET B 128 4.44 9.42 6.90
C MET B 128 5.40 9.18 5.76
N ILE B 129 4.95 8.55 4.67
CA ILE B 129 5.75 8.32 3.49
C ILE B 129 4.93 8.70 2.28
N GLU B 130 5.63 8.99 1.19
CA GLU B 130 5.00 9.23 -0.10
C GLU B 130 5.65 8.35 -1.16
N PHE B 131 4.90 8.05 -2.21
CA PHE B 131 5.38 7.27 -3.33
C PHE B 131 5.53 8.23 -4.50
N ILE B 132 6.76 8.42 -4.96
CA ILE B 132 7.09 9.54 -5.84
C ILE B 132 7.90 9.07 -7.04
N GLU B 133 7.78 9.82 -8.13
CA GLU B 133 8.58 9.62 -9.33
C GLU B 133 10.05 9.86 -9.00
N PHE B 134 10.92 9.36 -9.88
CA PHE B 134 12.35 9.37 -9.62
C PHE B 134 13.08 9.43 -10.97
N GLU B 135 14.36 9.75 -10.90
CA GLU B 135 15.28 9.66 -12.02
C GLU B 135 16.49 8.87 -11.55
N ILE B 136 17.18 8.24 -12.52
CA ILE B 136 18.38 7.44 -12.27
C ILE B 136 19.52 8.02 -13.09
N GLU B 137 20.70 8.12 -12.49
CA GLU B 137 21.89 8.55 -13.19
C GLU B 137 22.99 7.53 -12.99
N ASP B 138 23.63 7.12 -14.08
CA ASP B 138 24.75 6.20 -14.07
C ASP B 138 26.00 7.04 -13.81
N LEU B 139 26.67 6.79 -12.68
CA LEU B 139 27.88 7.54 -12.33
C LEU B 139 29.15 6.83 -12.77
N GLY B 140 29.02 5.68 -13.41
CA GLY B 140 30.17 4.90 -13.83
C GLY B 140 30.81 4.10 -12.72
N VAL B 141 31.91 3.43 -13.06
CA VAL B 141 32.60 2.56 -12.12
C VAL B 141 33.50 3.41 -11.22
N MET B 142 33.46 3.14 -9.92
CA MET B 142 34.29 3.83 -8.94
C MET B 142 34.91 2.81 -7.98
N GLU B 143 36.11 3.10 -7.50
CA GLU B 143 36.66 2.41 -6.32
C GLU B 143 36.33 3.27 -5.12
N ILE B 144 35.53 2.71 -4.20
CA ILE B 144 34.84 3.53 -3.21
C ILE B 144 34.55 2.69 -1.98
N ASP B 145 34.58 3.33 -0.82
CA ASP B 145 34.08 2.70 0.40
C ASP B 145 32.56 2.78 0.42
N VAL B 146 31.93 1.64 0.64
CA VAL B 146 30.47 1.57 0.72
C VAL B 146 30.07 0.91 2.03
N TYR B 147 28.84 1.20 2.47
CA TYR B 147 28.37 0.83 3.80
C TYR B 147 26.95 0.29 3.73
N ASP B 148 26.62 -0.57 4.69
CA ASP B 148 25.28 -1.11 4.81
C ASP B 148 25.00 -1.39 6.29
N ILE B 149 23.71 -1.48 6.61
CA ILE B 149 23.27 -1.88 7.95
C ILE B 149 22.30 -3.04 7.81
N GLU B 150 22.29 -3.91 8.81
CA GLU B 150 21.24 -4.91 8.95
C GLU B 150 20.19 -4.35 9.89
N VAL B 151 18.95 -4.27 9.40
CA VAL B 151 17.84 -3.72 10.17
C VAL B 151 16.88 -4.87 10.49
N ASP B 152 16.67 -5.11 11.77
CA ASP B 152 15.85 -6.22 12.23
C ASP B 152 14.44 -6.16 11.64
N GLY B 153 13.96 -7.31 11.15
CA GLY B 153 12.55 -7.44 10.76
C GLY B 153 12.22 -6.92 9.39
N ASN B 154 12.49 -5.64 9.13
CA ASN B 154 12.02 -5.01 7.92
C ASN B 154 13.04 -4.96 6.78
N HIS B 155 14.33 -5.04 7.09
CA HIS B 155 15.39 -5.12 6.07
C HIS B 155 15.36 -3.96 5.08
N ASN B 156 15.11 -2.75 5.59
CA ASN B 156 15.25 -1.55 4.78
C ASN B 156 15.48 -0.39 5.74
N PHE B 157 15.90 0.74 5.16
CA PHE B 157 16.17 1.93 5.95
C PHE B 157 16.13 3.14 5.02
N PHE B 158 15.91 4.32 5.61
CA PHE B 158 15.93 5.55 4.82
C PHE B 158 17.35 6.10 4.71
N GLY B 159 17.82 6.31 3.49
CA GLY B 159 19.08 6.98 3.23
C GLY B 159 18.80 8.27 2.50
N ASN B 160 19.16 9.40 3.11
CA ASN B 160 18.75 10.72 2.60
C ASN B 160 17.25 10.76 2.31
N ASP B 161 16.46 10.19 3.22
CA ASP B 161 15.00 10.16 3.18
C ASP B 161 14.42 9.24 2.12
N ILE B 162 15.23 8.46 1.42
CA ILE B 162 14.76 7.55 0.38
C ILE B 162 14.95 6.11 0.87
N LEU B 163 13.92 5.28 0.74
CA LEU B 163 14.00 3.95 1.31
C LEU B 163 14.85 3.02 0.43
N VAL B 164 15.89 2.41 1.03
CA VAL B 164 16.74 1.46 0.34
C VAL B 164 16.70 0.14 1.07
N HIS B 165 17.01 -0.95 0.35
CA HIS B 165 17.06 -2.25 0.98
C HIS B 165 18.29 -2.35 1.88
N ALA B 166 18.15 -3.05 3.00
CA ALA B 166 19.26 -3.27 3.91
C ALA B 166 19.92 -4.60 3.59
N SER B 167 21.12 -4.80 4.12
CA SER B 167 21.70 -6.12 3.98
C SER B 167 21.23 -6.98 5.14
N VAL B 168 21.32 -8.28 4.97
CA VAL B 168 21.22 -9.18 6.10
C VAL B 168 22.58 -9.85 6.22
N TYR B 169 23.10 -9.89 7.43
CA TYR B 169 24.29 -10.68 7.72
C TYR B 169 23.73 -11.97 8.27
N LEU B 170 23.94 -13.06 7.55
CA LEU B 170 23.53 -14.35 8.08
C LEU B 170 24.69 -14.84 8.93
N ASN B 171 24.47 -14.92 10.24
CA ASN B 171 25.49 -15.41 11.16
C ASN B 171 25.54 -16.92 10.99
N LYS B 172 26.26 -17.36 9.96
CA LYS B 172 26.27 -18.76 9.60
C LYS B 172 27.01 -19.60 10.64
N LEU B 173 28.23 -19.18 11.00
CA LEU B 173 29.11 -20.00 11.82
C LEU B 173 29.66 -19.29 13.06
#